data_6NQZ
#
_entry.id   6NQZ
#
_cell.length_a   60.735
_cell.length_b   65.653
_cell.length_c   134.396
_cell.angle_alpha   90.000
_cell.angle_beta   90.000
_cell.angle_gamma   90.000
#
_symmetry.space_group_name_H-M   'P 21 21 21'
#
loop_
_entity.id
_entity.type
_entity.pdbx_description
1 polymer 'Flagellar coiling protein B'
2 non-polymer '5-amino-2,4,6-triiodobenzene-1,3-dicarboxylic acid'
3 non-polymer 'IODIDE ION'
4 non-polymer GLYCEROL
5 water water
#
_entity_poly.entity_id   1
_entity_poly.type   'polypeptide(L)'
_entity_poly.pdbx_seq_one_letter_code
;GSGSQQNSGSDQKSQPSSAQLGQSILETERKLDEKIFELNQRLTRHTVLMKMKVRVLPFRTVLFKGKANNDECTPAINQE
DPANNCIRVEVYDFIRDEERGLNKNVQGALAKYMEIYFEGQNSNDPEPRTEPPRNINKLKSKIYKNNMVLEDKIISEVMD
RGPNTQPSHNDKVEVFFQKDNYPEYGRPETPAEKGVGKYILAGVENTKTHPIRNSFKKEFYIKHLDQFDRLFTKIFDYND
QLGNENYKENVDALKDSLRY
;
_entity_poly.pdbx_strand_id   A,B
#
# COMPACT_ATOMS: atom_id res chain seq x y z
N GLN A 20 21.54 -26.43 8.77
CA GLN A 20 21.77 -26.05 7.38
C GLN A 20 21.41 -24.57 7.16
N LEU A 21 22.37 -23.78 6.64
CA LEU A 21 22.14 -22.35 6.36
C LEU A 21 22.04 -22.03 4.87
N GLY A 22 22.61 -22.89 4.01
CA GLY A 22 22.55 -22.73 2.57
C GLY A 22 21.13 -22.64 2.04
N GLN A 23 20.26 -23.55 2.53
CA GLN A 23 18.82 -23.65 2.21
C GLN A 23 18.02 -22.61 3.03
N SER A 24 18.60 -22.10 4.14
CA SER A 24 17.97 -21.09 4.99
C SER A 24 18.14 -19.72 4.33
N ILE A 25 19.28 -19.50 3.64
CA ILE A 25 19.59 -18.33 2.81
C ILE A 25 18.53 -18.28 1.69
N LEU A 26 18.25 -19.46 1.09
CA LEU A 26 17.24 -19.62 0.04
C LEU A 26 15.83 -19.55 0.60
N GLU A 27 15.62 -19.93 1.89
CA GLU A 27 14.28 -19.83 2.51
C GLU A 27 13.98 -18.37 2.81
N THR A 28 15.02 -17.59 3.22
CA THR A 28 14.90 -16.16 3.46
C THR A 28 14.53 -15.46 2.12
N GLU A 29 15.25 -15.81 1.02
CA GLU A 29 15.02 -15.31 -0.34
C GLU A 29 13.57 -15.49 -0.79
N ARG A 30 12.97 -16.64 -0.50
CA ARG A 30 11.58 -16.94 -0.85
C ARG A 30 10.65 -16.03 -0.09
N LYS A 31 10.96 -15.76 1.21
CA LYS A 31 10.18 -14.85 2.07
C LYS A 31 10.29 -13.41 1.50
N LEU A 32 11.50 -12.99 1.07
CA LEU A 32 11.75 -11.69 0.42
C LEU A 32 11.03 -11.58 -0.92
N ASP A 33 11.03 -12.66 -1.71
CA ASP A 33 10.36 -12.71 -3.02
C ASP A 33 8.85 -12.52 -2.92
N GLU A 34 8.25 -13.07 -1.87
CA GLU A 34 6.82 -12.95 -1.59
C GLU A 34 6.44 -11.50 -1.21
N LYS A 35 7.32 -10.84 -0.43
CA LYS A 35 7.17 -9.43 -0.07
C LYS A 35 7.24 -8.58 -1.35
N ILE A 36 8.25 -8.77 -2.22
CA ILE A 36 8.41 -8.03 -3.50
C ILE A 36 7.22 -8.30 -4.46
N PHE A 37 6.68 -9.51 -4.44
CA PHE A 37 5.51 -9.86 -5.24
C PHE A 37 4.27 -9.07 -4.83
N GLU A 38 4.05 -8.86 -3.50
CA GLU A 38 2.92 -8.05 -3.02
C GLU A 38 3.15 -6.58 -3.37
N LEU A 39 4.39 -6.08 -3.24
CA LEU A 39 4.73 -4.72 -3.64
C LEU A 39 4.51 -4.50 -5.16
N ASN A 40 4.92 -5.48 -6.00
CA ASN A 40 4.66 -5.45 -7.44
C ASN A 40 3.13 -5.49 -7.74
N GLN A 41 2.31 -6.15 -6.88
CA GLN A 41 0.86 -6.23 -7.09
C GLN A 41 0.17 -4.90 -6.80
N ARG A 42 0.66 -4.15 -5.79
CA ARG A 42 0.14 -2.84 -5.41
C ARG A 42 0.31 -1.86 -6.60
N LEU A 43 1.47 -1.90 -7.26
CA LEU A 43 1.83 -1.08 -8.40
C LEU A 43 0.88 -1.16 -9.60
N THR A 44 0.22 -2.32 -9.79
CA THR A 44 -0.73 -2.54 -10.87
C THR A 44 -1.96 -1.59 -10.78
N ARG A 45 -2.24 -1.07 -9.57
CA ARG A 45 -3.37 -0.17 -9.27
C ARG A 45 -3.18 1.25 -9.79
N HIS A 46 -1.92 1.65 -10.13
CA HIS A 46 -1.62 3.00 -10.58
C HIS A 46 -2.04 3.27 -12.02
N THR A 47 -2.96 2.45 -12.59
CA THR A 47 -3.56 2.70 -13.91
C THR A 47 -4.56 3.84 -13.80
N VAL A 48 -5.02 4.11 -12.56
CA VAL A 48 -5.95 5.19 -12.22
C VAL A 48 -5.37 6.55 -12.57
N LEU A 49 -4.03 6.71 -12.51
CA LEU A 49 -3.30 7.94 -12.81
C LEU A 49 -3.25 8.28 -14.28
N MET A 50 -3.47 7.31 -15.17
CA MET A 50 -3.35 7.48 -16.61
C MET A 50 -4.28 8.55 -17.17
N LYS A 51 -5.58 8.43 -16.93
CA LYS A 51 -6.53 9.38 -17.48
C LYS A 51 -6.77 10.61 -16.61
N MET A 52 -6.25 10.59 -15.40
CA MET A 52 -6.37 11.67 -14.44
C MET A 52 -5.46 12.84 -14.82
N LYS A 53 -5.95 14.10 -14.72
CA LYS A 53 -5.11 15.29 -14.95
C LYS A 53 -4.26 15.42 -13.67
N VAL A 54 -2.95 15.24 -13.80
CA VAL A 54 -2.04 15.40 -12.66
C VAL A 54 -1.60 16.88 -12.63
N ARG A 55 -2.39 17.68 -11.87
CA ARG A 55 -2.28 19.15 -11.68
C ARG A 55 -1.44 19.55 -10.47
N VAL A 56 -1.49 18.74 -9.41
CA VAL A 56 -0.82 18.99 -8.15
C VAL A 56 0.12 17.81 -7.77
N LEU A 57 1.37 18.15 -7.43
CA LEU A 57 2.37 17.15 -7.10
C LEU A 57 3.07 17.47 -5.80
N PRO A 58 3.61 16.48 -5.06
CA PRO A 58 4.45 16.82 -3.90
C PRO A 58 5.69 17.57 -4.39
N PHE A 59 6.35 18.34 -3.55
CA PHE A 59 7.55 19.03 -4.01
C PHE A 59 8.68 18.06 -4.45
N ARG A 60 9.63 18.58 -5.27
CA ARG A 60 10.78 17.88 -5.83
C ARG A 60 10.37 16.60 -6.59
N THR A 61 9.18 16.62 -7.20
CA THR A 61 8.60 15.49 -7.93
C THR A 61 8.15 15.94 -9.31
N VAL A 62 8.30 15.03 -10.26
CA VAL A 62 7.88 15.20 -11.65
C VAL A 62 7.19 13.89 -12.05
N LEU A 63 6.00 13.96 -12.60
CA LEU A 63 5.30 12.79 -13.11
C LEU A 63 4.92 13.04 -14.57
N PHE A 64 5.06 12.02 -15.42
CA PHE A 64 4.62 12.10 -16.81
C PHE A 64 4.12 10.75 -17.28
N LYS A 65 3.17 10.76 -18.21
CA LYS A 65 2.59 9.58 -18.86
C LYS A 65 3.02 9.59 -20.32
N GLY A 66 3.24 8.42 -20.88
CA GLY A 66 3.68 8.28 -22.27
C GLY A 66 3.40 6.93 -22.87
N LYS A 67 4.14 6.65 -23.94
CA LYS A 67 4.06 5.40 -24.69
C LYS A 67 5.43 4.73 -24.68
N ALA A 68 5.45 3.40 -24.51
CA ALA A 68 6.69 2.63 -24.44
C ALA A 68 7.37 2.51 -25.79
N ASN A 69 8.66 2.82 -25.81
CA ASN A 69 9.50 2.73 -27.01
C ASN A 69 10.79 2.09 -26.53
N ASN A 70 10.92 0.76 -26.79
CA ASN A 70 11.99 -0.13 -26.31
C ASN A 70 12.02 -0.05 -24.76
N ASP A 71 13.15 0.24 -24.13
CA ASP A 71 13.22 0.35 -22.67
C ASP A 71 13.13 1.83 -22.21
N GLU A 72 12.34 2.63 -22.96
CA GLU A 72 12.09 4.04 -22.68
C GLU A 72 10.60 4.37 -22.71
N CYS A 73 10.22 5.34 -21.87
CA CYS A 73 8.86 5.82 -21.80
C CYS A 73 8.86 7.26 -22.36
N THR A 74 8.40 7.41 -23.61
CA THR A 74 8.39 8.70 -24.28
C THR A 74 7.19 9.57 -23.79
N PRO A 75 7.42 10.81 -23.28
CA PRO A 75 6.29 11.63 -22.79
C PRO A 75 5.29 12.04 -23.86
N ALA A 76 3.99 11.90 -23.57
CA ALA A 76 2.92 12.19 -24.52
C ALA A 76 2.47 13.64 -24.50
N ILE A 77 1.99 14.15 -25.64
CA ILE A 77 1.47 15.52 -25.79
C ILE A 77 0.23 15.67 -24.94
N ASN A 78 -0.68 14.68 -25.05
CA ASN A 78 -1.89 14.61 -24.25
C ASN A 78 -1.54 13.72 -23.05
N GLN A 79 -1.49 14.32 -21.86
CA GLN A 79 -1.11 13.57 -20.66
C GLN A 79 -2.22 12.64 -20.13
N GLU A 80 -3.46 12.81 -20.63
CA GLU A 80 -4.60 12.01 -20.19
C GLU A 80 -5.12 11.14 -21.35
N ASP A 81 -4.28 10.95 -22.38
CA ASP A 81 -4.55 10.14 -23.55
C ASP A 81 -4.77 8.68 -23.15
N PRO A 82 -5.96 8.09 -23.50
CA PRO A 82 -6.23 6.67 -23.16
C PRO A 82 -5.23 5.67 -23.77
N ALA A 83 -4.57 6.06 -24.88
CA ALA A 83 -3.58 5.28 -25.61
C ALA A 83 -2.22 5.18 -24.90
N ASN A 84 -1.99 5.99 -23.85
CA ASN A 84 -0.74 5.94 -23.09
C ASN A 84 -0.64 4.62 -22.34
N ASN A 85 0.57 4.07 -22.23
CA ASN A 85 0.77 2.76 -21.62
C ASN A 85 1.82 2.74 -20.53
N CYS A 86 2.56 3.84 -20.38
CA CYS A 86 3.59 3.90 -19.34
C CYS A 86 3.56 5.21 -18.61
N ILE A 87 4.13 5.18 -17.41
CA ILE A 87 4.17 6.32 -16.51
C ILE A 87 5.53 6.41 -15.83
N ARG A 88 6.04 7.62 -15.68
CA ARG A 88 7.31 7.85 -15.00
C ARG A 88 7.14 8.85 -13.86
N VAL A 89 7.75 8.56 -12.72
CA VAL A 89 7.82 9.44 -11.54
C VAL A 89 9.30 9.63 -11.23
N GLU A 90 9.72 10.90 -11.22
CA GLU A 90 11.08 11.37 -10.95
C GLU A 90 11.12 12.04 -9.60
N VAL A 91 12.22 11.82 -8.85
CA VAL A 91 12.47 12.41 -7.52
C VAL A 91 13.79 13.20 -7.55
N TYR A 92 13.71 14.49 -7.18
CA TYR A 92 14.84 15.41 -7.21
C TYR A 92 15.36 15.75 -5.83
N ASP A 93 16.65 16.16 -5.77
CA ASP A 93 17.33 16.58 -4.56
C ASP A 93 17.68 18.05 -4.66
N GLN A 107 25.19 17.51 -13.76
CA GLN A 107 24.35 16.33 -13.99
C GLN A 107 22.87 16.56 -13.58
N GLY A 108 22.65 17.58 -12.74
CA GLY A 108 21.33 17.98 -12.29
C GLY A 108 20.93 17.46 -10.94
N ALA A 109 19.71 17.81 -10.52
CA ALA A 109 19.11 17.48 -9.23
C ALA A 109 18.50 16.06 -9.12
N LEU A 110 18.26 15.36 -10.27
CA LEU A 110 17.68 14.00 -10.33
C LEU A 110 18.36 13.01 -9.43
N ALA A 111 17.60 12.43 -8.50
CA ALA A 111 18.11 11.44 -7.54
C ALA A 111 17.76 10.01 -7.98
N LYS A 112 16.51 9.79 -8.39
CA LYS A 112 15.98 8.49 -8.81
C LYS A 112 14.69 8.62 -9.60
N TYR A 113 14.31 7.53 -10.28
CA TYR A 113 13.06 7.47 -11.01
C TYR A 113 12.53 6.04 -11.14
N MET A 114 11.23 5.91 -11.41
CA MET A 114 10.57 4.63 -11.65
C MET A 114 9.61 4.77 -12.84
N GLU A 115 9.72 3.82 -13.77
CA GLU A 115 8.86 3.72 -14.93
C GLU A 115 8.06 2.44 -14.82
N ILE A 116 6.73 2.57 -14.85
CA ILE A 116 5.81 1.43 -14.88
C ILE A 116 5.33 1.32 -16.33
N TYR A 117 5.54 0.14 -16.97
CA TYR A 117 5.11 -0.12 -18.36
C TYR A 117 3.97 -1.12 -18.26
N PHE A 118 2.74 -0.65 -18.35
CA PHE A 118 1.55 -1.51 -18.21
C PHE A 118 1.29 -2.35 -19.43
N GLU A 119 0.74 -3.56 -19.21
CA GLU A 119 0.32 -4.46 -20.29
C GLU A 119 -1.06 -3.98 -20.69
N GLY A 120 -1.46 -4.27 -21.92
CA GLY A 120 -2.79 -3.95 -22.42
C GLY A 120 -3.03 -2.49 -22.67
N GLN A 121 -4.31 -2.10 -22.60
CA GLN A 121 -4.78 -0.75 -22.88
C GLN A 121 -5.66 -0.22 -21.73
N ASN A 122 -5.79 1.11 -21.66
CA ASN A 122 -6.68 1.76 -20.70
C ASN A 122 -8.10 1.54 -21.23
N SER A 123 -9.07 1.47 -20.32
CA SER A 123 -10.48 1.24 -20.65
C SER A 123 -11.09 2.32 -21.55
N ASN A 124 -12.33 2.08 -22.00
CA ASN A 124 -13.12 3.00 -22.81
C ASN A 124 -13.92 3.99 -21.91
N ASP A 125 -13.77 3.87 -20.59
CA ASP A 125 -14.46 4.75 -19.66
C ASP A 125 -13.65 6.04 -19.43
N PRO A 126 -14.26 7.25 -19.57
CA PRO A 126 -13.50 8.50 -19.35
C PRO A 126 -13.05 8.75 -17.91
N GLU A 127 -13.72 8.12 -16.91
CA GLU A 127 -13.44 8.29 -15.50
C GLU A 127 -12.15 7.58 -14.99
N PRO A 128 -11.12 8.35 -14.53
CA PRO A 128 -9.90 7.72 -14.02
C PRO A 128 -10.04 6.90 -12.74
N ARG A 129 -10.94 7.33 -11.83
CA ARG A 129 -11.12 6.66 -10.52
C ARG A 129 -11.60 5.21 -10.58
N THR A 130 -12.31 4.82 -11.66
CA THR A 130 -12.83 3.45 -11.82
C THR A 130 -11.94 2.54 -12.70
N GLU A 131 -10.76 3.03 -13.16
CA GLU A 131 -9.80 2.31 -14.02
C GLU A 131 -9.31 1.01 -13.36
N PRO A 132 -9.54 -0.15 -14.01
CA PRO A 132 -9.10 -1.43 -13.42
C PRO A 132 -7.57 -1.58 -13.41
N PRO A 133 -7.00 -2.30 -12.40
CA PRO A 133 -5.53 -2.52 -12.43
C PRO A 133 -5.16 -3.44 -13.59
N ARG A 134 -3.96 -3.24 -14.14
CA ARG A 134 -3.46 -4.08 -15.23
C ARG A 134 -2.14 -4.62 -14.78
N ASN A 135 -1.72 -5.73 -15.35
CA ASN A 135 -0.42 -6.30 -15.03
C ASN A 135 0.64 -5.45 -15.68
N ILE A 136 1.83 -5.44 -15.08
CA ILE A 136 2.96 -4.64 -15.52
C ILE A 136 3.90 -5.51 -16.35
N ASN A 137 4.19 -5.05 -17.57
CA ASN A 137 5.08 -5.70 -18.52
C ASN A 137 6.50 -5.68 -17.94
N LYS A 138 7.04 -4.47 -17.72
CA LYS A 138 8.34 -4.25 -17.12
C LYS A 138 8.32 -3.05 -16.16
N LEU A 139 9.18 -3.11 -15.16
CA LEU A 139 9.32 -2.07 -14.15
C LEU A 139 10.80 -1.64 -14.13
N LYS A 140 11.08 -0.39 -14.50
CA LYS A 140 12.45 0.14 -14.56
C LYS A 140 12.66 1.14 -13.45
N SER A 141 13.77 1.01 -12.75
CA SER A 141 14.21 1.90 -11.68
C SER A 141 15.65 2.32 -11.98
N LYS A 142 15.94 3.60 -11.86
CA LYS A 142 17.26 4.18 -12.08
C LYS A 142 17.61 5.07 -10.90
N ILE A 143 18.83 4.90 -10.36
CA ILE A 143 19.32 5.65 -9.20
C ILE A 143 20.56 6.41 -9.60
N TYR A 144 20.52 7.72 -9.41
CA TYR A 144 21.60 8.64 -9.76
C TYR A 144 22.38 9.14 -8.56
N LYS A 145 21.73 9.21 -7.39
CA LYS A 145 22.33 9.76 -6.18
C LYS A 145 21.98 8.87 -5.00
N ASN A 146 22.84 8.91 -3.95
CA ASN A 146 22.68 8.16 -2.69
C ASN A 146 22.33 6.69 -2.94
N ASN A 147 23.10 6.06 -3.87
CA ASN A 147 22.96 4.67 -4.29
C ASN A 147 23.42 3.75 -3.18
N MET A 148 22.81 2.54 -3.11
CA MET A 148 23.20 1.55 -2.11
C MET A 148 24.35 0.69 -2.65
N VAL A 149 25.39 0.50 -1.82
CA VAL A 149 26.53 -0.34 -2.19
C VAL A 149 26.35 -1.75 -1.63
N LEU A 150 26.44 -2.74 -2.53
CA LEU A 150 26.38 -4.16 -2.22
C LEU A 150 27.74 -4.72 -2.52
N GLU A 151 28.49 -5.05 -1.46
CA GLU A 151 29.83 -5.66 -1.53
C GLU A 151 30.79 -4.97 -2.54
N ASP A 152 31.05 -3.65 -2.36
CA ASP A 152 31.94 -2.79 -3.17
C ASP A 152 31.40 -2.40 -4.57
N LYS A 153 30.13 -2.75 -4.87
CA LYS A 153 29.49 -2.39 -6.14
C LYS A 153 28.19 -1.63 -5.86
N ILE A 154 27.98 -0.44 -6.50
CA ILE A 154 26.75 0.36 -6.31
C ILE A 154 25.62 -0.06 -7.26
N ILE A 155 24.39 -0.26 -6.72
CA ILE A 155 23.19 -0.57 -7.52
C ILE A 155 22.69 0.75 -8.17
N SER A 156 22.66 0.79 -9.51
CA SER A 156 22.30 2.03 -10.18
C SER A 156 21.06 1.92 -11.11
N GLU A 157 20.59 0.70 -11.39
CA GLU A 157 19.46 0.45 -12.26
C GLU A 157 18.93 -0.95 -12.04
N VAL A 158 17.61 -1.09 -12.06
CA VAL A 158 16.91 -2.38 -11.95
C VAL A 158 15.82 -2.40 -13.03
N MET A 159 15.76 -3.51 -13.77
CA MET A 159 14.74 -3.73 -14.76
C MET A 159 14.15 -5.09 -14.46
N ASP A 160 12.92 -5.13 -14.00
CA ASP A 160 12.15 -6.34 -13.70
C ASP A 160 11.18 -6.57 -14.88
N ARG A 161 11.48 -7.53 -15.74
CA ARG A 161 10.69 -7.88 -16.94
C ARG A 161 9.53 -8.88 -16.70
N GLY A 162 9.30 -9.27 -15.46
CA GLY A 162 8.20 -10.15 -15.09
C GLY A 162 7.76 -9.89 -13.66
N PRO A 163 7.30 -8.65 -13.33
CA PRO A 163 6.98 -8.35 -11.91
C PRO A 163 5.72 -9.03 -11.37
N ASN A 164 4.76 -9.34 -12.23
CA ASN A 164 3.51 -9.97 -11.81
C ASN A 164 3.36 -11.43 -12.28
N THR A 165 4.48 -12.09 -12.63
CA THR A 165 4.49 -13.47 -13.10
C THR A 165 4.35 -14.44 -11.92
N GLN A 166 5.44 -14.64 -11.16
CA GLN A 166 5.49 -15.50 -9.98
C GLN A 166 6.50 -14.93 -8.97
N PRO A 167 6.39 -15.18 -7.65
CA PRO A 167 7.36 -14.62 -6.69
C PRO A 167 8.83 -14.82 -7.06
N SER A 168 9.22 -16.03 -7.48
CA SER A 168 10.60 -16.32 -7.85
C SER A 168 10.74 -16.16 -9.36
N HIS A 169 11.18 -14.96 -9.78
CA HIS A 169 11.33 -14.63 -11.19
C HIS A 169 12.67 -13.94 -11.48
N ASN A 170 13.75 -14.39 -10.78
CA ASN A 170 15.13 -13.88 -10.87
C ASN A 170 15.68 -13.86 -12.29
N ASP A 171 15.19 -14.78 -13.14
CA ASP A 171 15.52 -14.93 -14.56
C ASP A 171 15.15 -13.66 -15.33
N LYS A 172 14.04 -12.99 -14.91
CA LYS A 172 13.49 -11.81 -15.57
C LYS A 172 13.94 -10.49 -14.91
N VAL A 173 14.86 -10.53 -13.94
CA VAL A 173 15.34 -9.31 -13.26
C VAL A 173 16.77 -9.02 -13.65
N GLU A 174 16.99 -7.84 -14.24
CA GLU A 174 18.30 -7.34 -14.66
C GLU A 174 18.69 -6.26 -13.66
N VAL A 175 19.90 -6.36 -13.11
CA VAL A 175 20.45 -5.40 -12.14
C VAL A 175 21.77 -4.86 -12.70
N PHE A 176 21.93 -3.53 -12.65
CA PHE A 176 23.11 -2.86 -13.14
CA PHE A 176 23.13 -2.86 -13.12
C PHE A 176 23.96 -2.38 -11.95
N PHE A 177 25.23 -2.83 -11.91
CA PHE A 177 26.22 -2.51 -10.89
C PHE A 177 27.37 -1.65 -11.43
N GLN A 178 27.81 -0.65 -10.65
CA GLN A 178 28.96 0.22 -10.97
C GLN A 178 30.07 0.10 -9.92
N VAL A 196 27.09 -1.93 -19.25
CA VAL A 196 28.46 -1.86 -18.72
C VAL A 196 28.74 -2.96 -17.66
N GLY A 197 27.85 -3.09 -16.68
CA GLY A 197 27.88 -4.09 -15.61
C GLY A 197 26.50 -4.65 -15.30
N LYS A 198 25.80 -5.12 -16.35
CA LYS A 198 24.45 -5.68 -16.29
C LYS A 198 24.50 -7.17 -15.94
N TYR A 199 23.77 -7.54 -14.88
CA TYR A 199 23.69 -8.91 -14.40
C TYR A 199 22.26 -9.35 -14.28
N ILE A 200 21.98 -10.61 -14.68
CA ILE A 200 20.67 -11.22 -14.49
C ILE A 200 20.70 -11.78 -13.06
N LEU A 201 19.70 -11.43 -12.22
CA LEU A 201 19.69 -11.84 -10.81
C LEU A 201 19.84 -13.33 -10.59
N ALA A 202 19.28 -14.16 -11.50
CA ALA A 202 19.38 -15.62 -11.41
C ALA A 202 20.81 -16.13 -11.45
N GLY A 203 21.76 -15.32 -11.93
CA GLY A 203 23.17 -15.70 -12.00
C GLY A 203 24.02 -15.14 -10.87
N VAL A 204 23.45 -14.19 -10.10
CA VAL A 204 24.13 -13.52 -8.98
C VAL A 204 24.18 -14.50 -7.80
N GLU A 205 25.31 -14.52 -7.08
CA GLU A 205 25.54 -15.40 -5.94
C GLU A 205 24.61 -15.06 -4.77
N ASN A 206 24.16 -16.11 -4.08
CA ASN A 206 23.33 -16.04 -2.89
C ASN A 206 23.64 -17.23 -1.97
N THR A 207 24.81 -17.15 -1.31
CA THR A 207 25.35 -18.14 -0.37
C THR A 207 25.51 -17.48 1.01
N LYS A 208 25.86 -18.25 2.06
CA LYS A 208 26.07 -17.70 3.41
C LYS A 208 27.23 -16.69 3.44
N THR A 209 28.29 -16.92 2.65
CA THR A 209 29.45 -16.02 2.58
C THR A 209 29.15 -14.77 1.78
N HIS A 210 28.43 -14.91 0.64
CA HIS A 210 28.03 -13.79 -0.21
C HIS A 210 26.52 -13.84 -0.50
N PRO A 211 25.68 -13.32 0.42
CA PRO A 211 24.21 -13.35 0.18
C PRO A 211 23.77 -12.10 -0.57
N ILE A 212 24.41 -11.84 -1.72
CA ILE A 212 24.23 -10.65 -2.56
C ILE A 212 22.76 -10.43 -2.94
N ARG A 213 22.05 -11.48 -3.42
CA ARG A 213 20.64 -11.35 -3.79
C ARG A 213 19.74 -10.96 -2.60
N ASN A 214 19.93 -11.63 -1.44
CA ASN A 214 19.19 -11.37 -0.20
C ASN A 214 19.43 -9.94 0.30
N SER A 215 20.69 -9.44 0.18
CA SER A 215 21.10 -8.09 0.58
C SER A 215 20.45 -7.07 -0.33
N PHE A 216 20.38 -7.38 -1.65
CA PHE A 216 19.74 -6.56 -2.67
C PHE A 216 18.22 -6.42 -2.41
N LYS A 217 17.58 -7.56 -2.10
CA LYS A 217 16.16 -7.65 -1.86
C LYS A 217 15.72 -7.02 -0.53
N LYS A 218 16.41 -7.32 0.58
CA LYS A 218 16.10 -6.80 1.90
C LYS A 218 16.56 -5.39 2.14
N GLU A 219 17.86 -5.12 1.93
CA GLU A 219 18.43 -3.81 2.22
C GLU A 219 18.08 -2.73 1.20
N PHE A 220 17.82 -3.08 -0.08
CA PHE A 220 17.49 -2.06 -1.06
C PHE A 220 16.07 -2.14 -1.70
N TYR A 221 15.80 -3.18 -2.51
CA TYR A 221 14.63 -3.27 -3.37
C TYR A 221 13.25 -3.19 -2.70
N ILE A 222 13.04 -3.88 -1.57
CA ILE A 222 11.75 -3.86 -0.88
C ILE A 222 11.34 -2.42 -0.46
N LYS A 223 12.26 -1.68 0.22
CA LYS A 223 12.00 -0.31 0.68
C LYS A 223 11.78 0.63 -0.51
N HIS A 224 12.59 0.45 -1.57
CA HIS A 224 12.54 1.20 -2.81
C HIS A 224 11.14 1.13 -3.47
N LEU A 225 10.61 -0.11 -3.63
CA LEU A 225 9.29 -0.41 -4.18
C LEU A 225 8.21 0.15 -3.29
N ASP A 226 8.40 0.05 -1.96
CA ASP A 226 7.46 0.56 -0.97
C ASP A 226 7.31 2.10 -1.10
N GLN A 227 8.43 2.85 -1.11
CA GLN A 227 8.40 4.30 -1.20
C GLN A 227 7.79 4.80 -2.50
N PHE A 228 8.19 4.24 -3.66
CA PHE A 228 7.63 4.63 -4.96
C PHE A 228 6.14 4.36 -5.04
N ASP A 229 5.64 3.27 -4.43
CA ASP A 229 4.21 2.97 -4.39
C ASP A 229 3.44 3.97 -3.50
N ARG A 230 4.01 4.32 -2.35
CA ARG A 230 3.43 5.31 -1.47
C ARG A 230 3.37 6.66 -2.23
N LEU A 231 4.43 6.98 -3.01
CA LEU A 231 4.49 8.20 -3.81
C LEU A 231 3.44 8.24 -4.95
N PHE A 232 3.30 7.15 -5.73
CA PHE A 232 2.30 7.13 -6.78
C PHE A 232 0.89 7.33 -6.21
N THR A 233 0.61 6.73 -5.02
CA THR A 233 -0.67 6.81 -4.28
C THR A 233 -0.93 8.23 -3.79
N LYS A 234 0.07 8.88 -3.15
CA LYS A 234 0.03 10.27 -2.68
C LYS A 234 -0.38 11.25 -3.83
N ILE A 235 0.27 11.10 -5.01
CA ILE A 235 -0.02 11.89 -6.21
C ILE A 235 -1.50 11.74 -6.59
N PHE A 236 -2.03 10.50 -6.59
CA PHE A 236 -3.43 10.24 -6.90
C PHE A 236 -4.34 10.96 -5.86
N ASP A 237 -4.10 10.75 -4.55
CA ASP A 237 -4.90 11.37 -3.49
C ASP A 237 -4.93 12.89 -3.57
N TYR A 238 -3.80 13.55 -3.87
CA TYR A 238 -3.71 15.01 -4.02
C TYR A 238 -4.62 15.47 -5.14
N ASN A 239 -4.63 14.75 -6.27
CA ASN A 239 -5.44 15.11 -7.42
C ASN A 239 -6.89 14.63 -7.35
N ASP A 240 -7.20 13.75 -6.41
CA ASP A 240 -8.53 13.24 -6.19
C ASP A 240 -9.34 14.30 -5.44
N GLN A 241 -8.76 14.87 -4.35
CA GLN A 241 -9.36 15.92 -3.53
C GLN A 241 -9.58 17.22 -4.37
N LEU A 242 -8.55 17.71 -5.12
CA LEU A 242 -8.61 18.91 -5.96
C LEU A 242 -9.74 18.88 -7.03
N GLU A 245 -11.86 21.63 -10.47
CA GLU A 245 -11.87 22.47 -9.26
C GLU A 245 -10.73 23.49 -9.24
N ASN A 246 -11.05 24.76 -8.93
CA ASN A 246 -10.11 25.91 -8.85
C ASN A 246 -9.09 25.73 -7.73
N TYR A 247 -7.79 25.85 -8.07
CA TYR A 247 -6.68 25.69 -7.11
C TYR A 247 -6.67 26.75 -5.99
N LYS A 248 -6.87 28.04 -6.34
CA LYS A 248 -6.87 29.12 -5.35
C LYS A 248 -8.08 29.01 -4.40
N GLU A 249 -9.25 28.58 -4.93
CA GLU A 249 -10.48 28.35 -4.16
C GLU A 249 -10.36 27.09 -3.29
N ASN A 250 -9.72 26.00 -3.82
CA ASN A 250 -9.51 24.75 -3.09
C ASN A 250 -8.59 24.94 -1.89
N VAL A 251 -7.41 25.56 -2.09
CA VAL A 251 -6.45 25.85 -1.02
C VAL A 251 -7.14 26.73 0.08
N ASP A 252 -7.96 27.72 -0.34
CA ASP A 252 -8.73 28.61 0.54
C ASP A 252 -9.72 27.80 1.39
N ALA A 253 -10.48 26.89 0.76
CA ALA A 253 -11.45 26.01 1.41
C ALA A 253 -10.80 25.01 2.38
N LEU A 254 -9.56 24.50 2.08
CA LEU A 254 -8.77 23.59 2.94
C LEU A 254 -8.25 24.36 4.19
N LYS A 255 -7.81 25.62 4.00
CA LYS A 255 -7.33 26.54 5.03
C LYS A 255 -8.48 26.92 5.98
N ASP A 256 -9.68 27.11 5.44
CA ASP A 256 -10.89 27.45 6.21
C ASP A 256 -11.29 26.34 7.21
N SER A 257 -10.88 25.08 6.96
CA SER A 257 -11.13 23.92 7.82
C SER A 257 -9.81 23.17 8.10
N GLN B 20 -1.32 -35.07 3.19
CA GLN B 20 -1.64 -34.87 1.78
C GLN B 20 -2.06 -33.40 1.57
N LEU B 21 -3.27 -33.15 0.99
CA LEU B 21 -3.84 -31.81 0.79
C LEU B 21 -4.19 -31.16 2.15
N GLY B 22 -4.36 -31.98 3.20
CA GLY B 22 -4.66 -31.52 4.55
C GLY B 22 -3.64 -30.52 5.07
N GLN B 23 -2.33 -30.84 4.90
CA GLN B 23 -1.28 -29.91 5.32
C GLN B 23 -0.95 -28.89 4.22
N SER B 24 -1.47 -29.09 2.98
CA SER B 24 -1.34 -28.12 1.88
C SER B 24 -2.35 -26.98 2.12
N ILE B 25 -3.53 -27.32 2.71
CA ILE B 25 -4.57 -26.39 3.16
C ILE B 25 -3.93 -25.52 4.26
N LEU B 26 -3.15 -26.16 5.16
CA LEU B 26 -2.41 -25.48 6.21
C LEU B 26 -1.21 -24.71 5.69
N GLU B 27 -0.61 -25.15 4.56
CA GLU B 27 0.52 -24.42 3.95
C GLU B 27 0.00 -23.16 3.28
N THR B 28 -1.22 -23.24 2.65
CA THR B 28 -1.90 -22.09 2.05
C THR B 28 -2.19 -21.06 3.15
N GLU B 29 -2.75 -21.52 4.30
CA GLU B 29 -3.07 -20.70 5.49
C GLU B 29 -1.87 -19.89 5.97
N ARG B 30 -0.68 -20.51 6.03
CA ARG B 30 0.55 -19.84 6.44
C ARG B 30 0.92 -18.75 5.45
N LYS B 31 0.72 -19.00 4.13
CA LYS B 31 0.96 -18.00 3.06
C LYS B 31 -0.02 -16.82 3.24
N LEU B 32 -1.31 -17.10 3.56
CA LEU B 32 -2.33 -16.08 3.84
C LEU B 32 -2.01 -15.30 5.11
N ASP B 33 -1.52 -15.99 6.15
CA ASP B 33 -1.14 -15.36 7.42
C ASP B 33 -0.01 -14.33 7.25
N GLU B 34 0.96 -14.64 6.38
CA GLU B 34 2.09 -13.77 6.06
C GLU B 34 1.62 -12.48 5.32
N LYS B 35 0.65 -12.64 4.42
CA LYS B 35 0.03 -11.52 3.70
C LYS B 35 -0.70 -10.62 4.74
N ILE B 36 -1.55 -11.22 5.64
CA ILE B 36 -2.28 -10.52 6.72
C ILE B 36 -1.30 -9.76 7.61
N PHE B 37 -0.15 -10.40 7.97
CA PHE B 37 0.88 -9.82 8.80
C PHE B 37 1.49 -8.56 8.22
N GLU B 38 1.76 -8.53 6.89
CA GLU B 38 2.27 -7.32 6.21
C GLU B 38 1.21 -6.23 6.19
N LEU B 39 -0.07 -6.61 5.94
CA LEU B 39 -1.18 -5.66 6.01
C LEU B 39 -1.34 -5.05 7.41
N ASN B 40 -1.22 -5.89 8.45
CA ASN B 40 -1.26 -5.42 9.84
C ASN B 40 -0.06 -4.50 10.16
N GLN B 41 1.12 -4.71 9.49
CA GLN B 41 2.31 -3.86 9.71
C GLN B 41 2.15 -2.47 9.09
N ARG B 42 1.48 -2.36 7.93
CA ARG B 42 1.18 -1.10 7.24
C ARG B 42 0.27 -0.22 8.15
N LEU B 43 -0.71 -0.85 8.86
CA LEU B 43 -1.67 -0.16 9.73
C LEU B 43 -1.04 0.54 10.93
N THR B 44 0.17 0.11 11.33
CA THR B 44 0.88 0.74 12.45
C THR B 44 1.32 2.18 12.12
N ARG B 45 1.42 2.51 10.83
CA ARG B 45 1.85 3.82 10.29
C ARG B 45 0.81 4.95 10.50
N HIS B 46 -0.43 4.60 10.86
CA HIS B 46 -1.54 5.54 10.99
C HIS B 46 -1.58 6.31 12.35
N THR B 47 -0.52 6.18 13.19
CA THR B 47 -0.41 6.93 14.45
C THR B 47 -0.30 8.42 14.10
N VAL B 48 0.15 8.67 12.89
CA VAL B 48 0.37 9.95 12.23
C VAL B 48 -0.91 10.84 12.21
N LEU B 49 -2.10 10.21 12.06
CA LEU B 49 -3.42 10.83 12.03
C LEU B 49 -3.91 11.34 13.39
N MET B 50 -3.33 10.83 14.50
CA MET B 50 -3.75 11.16 15.87
C MET B 50 -3.70 12.67 16.22
N LYS B 51 -2.59 13.38 15.93
CA LYS B 51 -2.49 14.81 16.27
C LYS B 51 -2.90 15.74 15.14
N MET B 52 -3.11 15.18 13.95
CA MET B 52 -3.50 15.91 12.76
C MET B 52 -4.97 16.34 12.85
N LYS B 53 -5.30 17.59 12.43
CA LYS B 53 -6.69 18.03 12.36
C LYS B 53 -7.27 17.37 11.11
N VAL B 54 -8.24 16.45 11.27
CA VAL B 54 -8.86 15.80 10.12
C VAL B 54 -10.13 16.58 9.80
N ARG B 55 -10.04 17.51 8.86
CA ARG B 55 -11.20 18.32 8.52
C ARG B 55 -11.73 17.95 7.17
N VAL B 56 -10.86 17.51 6.23
CA VAL B 56 -11.26 17.12 4.86
C VAL B 56 -11.26 15.57 4.70
N LEU B 57 -12.41 15.03 4.33
CA LEU B 57 -12.60 13.59 4.21
C LEU B 57 -13.17 13.18 2.87
N PRO B 58 -12.82 11.98 2.36
CA PRO B 58 -13.46 11.53 1.11
C PRO B 58 -14.96 11.42 1.33
N PHE B 59 -15.74 11.37 0.23
CA PHE B 59 -17.20 11.25 0.19
C PHE B 59 -17.70 10.05 0.98
N ARG B 60 -18.80 10.20 1.76
CA ARG B 60 -19.41 9.12 2.56
C ARG B 60 -18.42 8.45 3.58
N THR B 61 -17.44 9.22 4.11
CA THR B 61 -16.42 8.77 5.05
C THR B 61 -16.36 9.67 6.31
N VAL B 62 -16.36 9.04 7.54
CA VAL B 62 -16.30 9.68 8.85
C VAL B 62 -15.06 9.11 9.58
N LEU B 63 -14.27 9.97 10.20
CA LEU B 63 -13.12 9.54 11.00
C LEU B 63 -13.23 10.22 12.36
N PHE B 64 -12.88 9.50 13.43
CA PHE B 64 -12.82 10.06 14.76
C PHE B 64 -11.72 9.40 15.56
N LYS B 65 -11.21 10.15 16.52
CA LYS B 65 -10.20 9.71 17.46
C LYS B 65 -10.83 9.71 18.84
N GLY B 66 -10.33 8.81 19.68
CA GLY B 66 -10.82 8.67 21.04
C GLY B 66 -9.91 7.84 21.89
N LYS B 67 -10.45 7.34 22.99
CA LYS B 67 -9.77 6.55 23.99
C LYS B 67 -10.48 5.20 24.12
N ALA B 68 -9.71 4.12 24.28
CA ALA B 68 -10.25 2.77 24.39
C ALA B 68 -10.94 2.52 25.71
N ASN B 69 -12.17 2.02 25.63
CA ASN B 69 -13.02 1.68 26.77
C ASN B 69 -13.60 0.31 26.43
N ASN B 70 -13.00 -0.74 27.03
CA ASN B 70 -13.29 -2.16 26.76
C ASN B 70 -13.06 -2.40 25.25
N ASP B 71 -14.06 -2.97 24.53
CA ASP B 71 -13.92 -3.18 23.08
C ASP B 71 -14.59 -2.06 22.28
N GLU B 72 -14.54 -0.84 22.82
CA GLU B 72 -15.09 0.36 22.18
C GLU B 72 -14.08 1.49 22.17
N CYS B 73 -14.18 2.32 21.14
CA CYS B 73 -13.35 3.51 20.98
C CYS B 73 -14.29 4.69 21.18
N THR B 74 -14.24 5.30 22.37
CA THR B 74 -15.14 6.39 22.71
C THR B 74 -14.58 7.71 22.12
N PRO B 75 -15.38 8.44 21.29
CA PRO B 75 -14.88 9.67 20.65
C PRO B 75 -14.48 10.75 21.63
N ALA B 76 -13.32 11.38 21.40
CA ALA B 76 -12.81 12.44 22.26
C ALA B 76 -13.32 13.82 21.87
N ILE B 77 -13.46 14.75 22.85
CA ILE B 77 -13.92 16.12 22.58
C ILE B 77 -12.83 16.84 21.82
N ASN B 78 -11.56 16.65 22.24
CA ASN B 78 -10.39 17.17 21.55
C ASN B 78 -9.93 16.07 20.58
N GLN B 79 -10.13 16.30 19.26
CA GLN B 79 -9.80 15.28 18.26
C GLN B 79 -8.29 15.15 17.99
N GLU B 80 -7.49 16.13 18.45
CA GLU B 80 -6.04 16.12 18.23
C GLU B 80 -5.31 15.95 19.56
N ASP B 81 -6.02 15.47 20.59
CA ASP B 81 -5.49 15.22 21.93
C ASP B 81 -4.39 14.14 21.88
N PRO B 82 -3.16 14.48 22.34
CA PRO B 82 -2.05 13.48 22.32
C PRO B 82 -2.32 12.21 23.13
N ALA B 83 -3.23 12.29 24.12
CA ALA B 83 -3.65 11.24 25.02
C ALA B 83 -4.58 10.21 24.36
N ASN B 84 -5.11 10.49 23.15
CA ASN B 84 -5.97 9.56 22.43
C ASN B 84 -5.15 8.34 22.00
N ASN B 85 -5.78 7.18 22.01
CA ASN B 85 -5.07 5.93 21.72
C ASN B 85 -5.73 5.10 20.64
N CYS B 86 -6.95 5.47 20.23
CA CYS B 86 -7.63 4.74 19.19
C CYS B 86 -8.25 5.66 18.16
N ILE B 87 -8.49 5.09 16.98
CA ILE B 87 -9.04 5.80 15.84
C ILE B 87 -10.07 4.92 15.14
N ARG B 88 -11.16 5.53 14.70
CA ARG B 88 -12.21 4.84 13.94
C ARG B 88 -12.45 5.51 12.60
N VAL B 89 -12.59 4.71 11.55
CA VAL B 89 -12.96 5.15 10.19
C VAL B 89 -14.21 4.38 9.80
N GLU B 90 -15.28 5.13 9.49
CA GLU B 90 -16.60 4.69 9.08
C GLU B 90 -16.82 4.95 7.59
N VAL B 91 -17.54 4.07 6.91
CA VAL B 91 -17.92 4.20 5.51
C VAL B 91 -19.42 4.08 5.43
N TYR B 92 -20.02 4.98 4.63
CA TYR B 92 -21.46 5.06 4.45
C TYR B 92 -21.91 4.77 3.03
N ASP B 93 -23.15 4.30 2.88
CA ASP B 93 -23.80 4.01 1.60
C ASP B 93 -25.02 4.91 1.40
N PHE B 94 -25.34 5.32 0.16
CA PHE B 94 -26.52 6.17 -0.02
C PHE B 94 -27.57 5.52 -0.96
N ILE B 95 -27.98 4.29 -0.59
CA ILE B 95 -28.98 3.43 -1.24
C ILE B 95 -30.32 4.16 -1.36
N GLY B 108 -27.79 4.74 9.87
CA GLY B 108 -28.71 4.05 8.96
C GLY B 108 -28.02 3.69 7.64
N ALA B 109 -27.18 4.62 7.17
CA ALA B 109 -26.37 4.52 5.97
C ALA B 109 -25.03 3.76 6.16
N LEU B 110 -24.59 3.54 7.43
CA LEU B 110 -23.35 2.85 7.81
C LEU B 110 -23.22 1.49 7.17
N ALA B 111 -22.14 1.31 6.41
CA ALA B 111 -21.85 0.06 5.71
C ALA B 111 -20.83 -0.81 6.50
N LYS B 112 -19.75 -0.17 6.98
CA LYS B 112 -18.64 -0.82 7.69
C LYS B 112 -17.77 0.19 8.42
N TYR B 113 -16.90 -0.33 9.29
CA TYR B 113 -15.94 0.49 10.05
C TYR B 113 -14.77 -0.34 10.55
N MET B 114 -13.66 0.36 10.86
CA MET B 114 -12.44 -0.19 11.43
C MET B 114 -11.93 0.68 12.55
N GLU B 115 -11.61 0.04 13.68
CA GLU B 115 -11.05 0.71 14.85
C GLU B 115 -9.66 0.14 15.07
N ILE B 116 -8.65 1.03 15.08
CA ILE B 116 -7.27 0.69 15.38
C ILE B 116 -7.05 1.15 16.84
N TYR B 117 -6.65 0.25 17.74
CA TYR B 117 -6.35 0.53 19.16
C TYR B 117 -4.84 0.43 19.30
N PHE B 118 -4.14 1.55 19.28
CA PHE B 118 -2.67 1.56 19.34
C PHE B 118 -2.15 1.30 20.72
N GLU B 119 -0.97 0.64 20.79
CA GLU B 119 -0.25 0.40 22.05
C GLU B 119 0.52 1.68 22.33
N GLY B 120 0.89 1.90 23.58
CA GLY B 120 1.69 3.05 23.99
C GLY B 120 0.98 4.38 23.92
N GLN B 121 1.77 5.43 23.74
CA GLN B 121 1.32 6.83 23.70
C GLN B 121 1.84 7.56 22.47
N ASN B 122 1.16 8.66 22.11
CA ASN B 122 1.61 9.54 21.04
C ASN B 122 2.79 10.33 21.60
N SER B 123 3.76 10.68 20.75
CA SER B 123 4.97 11.41 21.13
C SER B 123 4.71 12.79 21.75
N ASN B 124 5.79 13.42 22.25
CA ASN B 124 5.78 14.76 22.84
C ASN B 124 5.96 15.84 21.75
N ASP B 125 6.13 15.42 20.48
CA ASP B 125 6.30 16.34 19.36
C ASP B 125 4.93 16.82 18.83
N PRO B 126 4.72 18.15 18.69
CA PRO B 126 3.42 18.65 18.20
C PRO B 126 3.09 18.30 16.75
N GLU B 127 4.14 18.05 15.91
CA GLU B 127 3.99 17.73 14.49
C GLU B 127 3.44 16.32 14.18
N PRO B 128 2.21 16.21 13.60
CA PRO B 128 1.67 14.88 13.27
C PRO B 128 2.43 14.08 12.21
N ARG B 129 2.96 14.75 11.17
CA ARG B 129 3.70 14.12 10.06
C ARG B 129 4.87 13.19 10.53
N THR B 130 5.62 13.60 11.57
CA THR B 130 6.80 12.88 12.06
C THR B 130 6.51 11.79 13.09
N GLU B 131 5.21 11.57 13.46
CA GLU B 131 4.77 10.57 14.44
C GLU B 131 5.23 9.14 14.10
N PRO B 132 6.03 8.50 14.98
CA PRO B 132 6.50 7.13 14.69
C PRO B 132 5.39 6.08 14.72
N PRO B 133 5.49 5.00 13.91
CA PRO B 133 4.46 3.94 13.98
C PRO B 133 4.53 3.20 15.32
N ARG B 134 3.38 2.76 15.81
CA ARG B 134 3.29 2.03 17.07
C ARG B 134 2.61 0.72 16.76
N ASN B 135 2.86 -0.30 17.58
CA ASN B 135 2.19 -1.56 17.41
C ASN B 135 0.73 -1.40 17.82
N ILE B 136 -0.14 -2.24 17.23
CA ILE B 136 -1.57 -2.21 17.47
C ILE B 136 -1.94 -3.29 18.48
N ASN B 137 -2.61 -2.86 19.55
CA ASN B 137 -3.09 -3.74 20.63
C ASN B 137 -4.15 -4.67 20.05
N LYS B 138 -5.17 -4.07 19.42
CA LYS B 138 -6.26 -4.77 18.81
C LYS B 138 -6.85 -4.02 17.64
N LEU B 139 -7.45 -4.78 16.73
CA LEU B 139 -8.03 -4.25 15.50
C LEU B 139 -9.44 -4.80 15.38
N LYS B 140 -10.44 -3.90 15.41
CA LYS B 140 -11.84 -4.28 15.33
C LYS B 140 -12.43 -3.81 14.02
N SER B 141 -13.17 -4.69 13.37
CA SER B 141 -13.88 -4.44 12.11
C SER B 141 -15.33 -4.87 12.31
N LYS B 142 -16.27 -4.05 11.86
CA LYS B 142 -17.70 -4.32 11.92
C LYS B 142 -18.32 -4.05 10.54
N ILE B 143 -19.14 -4.99 10.06
CA ILE B 143 -19.78 -4.92 8.76
C ILE B 143 -21.30 -4.97 8.96
N TYR B 144 -21.98 -3.94 8.45
CA TYR B 144 -23.42 -3.78 8.55
C TYR B 144 -24.15 -4.06 7.24
N LYS B 145 -23.49 -3.85 6.10
CA LYS B 145 -24.09 -4.01 4.78
C LYS B 145 -23.14 -4.73 3.86
N ASN B 146 -23.67 -5.39 2.82
CA ASN B 146 -22.90 -6.13 1.80
C ASN B 146 -21.85 -7.04 2.43
N ASN B 147 -22.29 -7.82 3.45
CA ASN B 147 -21.45 -8.74 4.21
C ASN B 147 -21.15 -9.97 3.37
N MET B 148 -19.99 -10.61 3.61
CA MET B 148 -19.63 -11.83 2.91
CA MET B 148 -19.67 -11.83 2.89
C MET B 148 -20.16 -13.04 3.66
N VAL B 149 -20.79 -13.96 2.95
CA VAL B 149 -21.29 -15.19 3.54
C VAL B 149 -20.24 -16.30 3.28
N LEU B 150 -19.82 -16.97 4.35
CA LEU B 150 -18.91 -18.11 4.32
C LEU B 150 -19.75 -19.30 4.72
N GLU B 151 -20.09 -20.18 3.76
CA GLU B 151 -20.84 -21.42 3.97
C GLU B 151 -22.10 -21.26 4.89
N ASP B 152 -23.03 -20.38 4.50
CA ASP B 152 -24.31 -20.08 5.17
C ASP B 152 -24.20 -19.23 6.48
N LYS B 153 -23.00 -18.75 6.86
CA LYS B 153 -22.81 -17.86 8.03
C LYS B 153 -22.19 -16.50 7.58
N ILE B 154 -22.88 -15.39 7.88
CA ILE B 154 -22.49 -14.00 7.56
C ILE B 154 -21.33 -13.49 8.46
N ILE B 155 -20.26 -12.94 7.87
CA ILE B 155 -19.18 -12.33 8.67
C ILE B 155 -19.68 -10.93 9.01
N SER B 156 -19.79 -10.62 10.30
CA SER B 156 -20.31 -9.30 10.63
C SER B 156 -19.38 -8.48 11.56
N GLU B 157 -18.35 -9.12 12.14
CA GLU B 157 -17.42 -8.47 13.06
C GLU B 157 -16.17 -9.32 13.20
N VAL B 158 -15.01 -8.65 13.28
CA VAL B 158 -13.71 -9.30 13.47
C VAL B 158 -12.96 -8.51 14.52
N MET B 159 -12.39 -9.19 15.50
CA MET B 159 -11.55 -8.58 16.52
C MET B 159 -10.25 -9.37 16.56
N ASP B 160 -9.17 -8.74 16.12
CA ASP B 160 -7.84 -9.33 16.14
C ASP B 160 -7.11 -8.68 17.30
N ARG B 161 -6.84 -9.48 18.36
CA ARG B 161 -6.18 -9.06 19.60
C ARG B 161 -4.65 -9.20 19.61
N GLY B 162 -4.07 -9.65 18.50
CA GLY B 162 -2.62 -9.78 18.35
C GLY B 162 -2.17 -9.55 16.91
N PRO B 163 -2.46 -8.36 16.32
CA PRO B 163 -2.16 -8.19 14.87
C PRO B 163 -0.67 -8.08 14.53
N ASN B 164 0.16 -7.59 15.45
CA ASN B 164 1.58 -7.42 15.20
C ASN B 164 2.46 -8.39 16.02
N THR B 165 1.88 -9.49 16.52
CA THR B 165 2.58 -10.50 17.32
C THR B 165 3.45 -11.39 16.42
N GLN B 166 2.82 -12.35 15.73
CA GLN B 166 3.44 -13.28 14.80
C GLN B 166 2.44 -13.62 13.67
N PRO B 167 2.86 -14.03 12.46
CA PRO B 167 1.88 -14.34 11.40
C PRO B 167 0.74 -15.27 11.81
N SER B 168 1.03 -16.35 12.52
CA SER B 168 -0.03 -17.28 12.96
C SER B 168 -0.43 -16.97 14.38
N HIS B 169 -1.61 -16.32 14.53
CA HIS B 169 -2.15 -15.91 15.84
C HIS B 169 -3.66 -16.10 15.88
N ASN B 170 -4.14 -17.23 15.33
CA ASN B 170 -5.57 -17.62 15.27
C ASN B 170 -6.26 -17.61 16.62
N ASP B 171 -5.49 -17.88 17.68
CA ASP B 171 -5.88 -17.90 19.09
C ASP B 171 -6.39 -16.51 19.51
N LYS B 172 -5.80 -15.45 18.96
CA LYS B 172 -6.09 -14.05 19.28
C LYS B 172 -7.09 -13.39 18.29
N VAL B 173 -7.68 -14.15 17.36
CA VAL B 173 -8.65 -13.60 16.40
C VAL B 173 -10.05 -14.14 16.70
N GLU B 174 -10.99 -13.21 17.01
CA GLU B 174 -12.40 -13.48 17.29
C GLU B 174 -13.19 -13.05 16.06
N VAL B 175 -14.05 -13.93 15.57
CA VAL B 175 -14.89 -13.71 14.39
C VAL B 175 -16.34 -13.91 14.79
N PHE B 176 -17.21 -12.97 14.41
CA PHE B 176 -18.63 -13.04 14.71
CA PHE B 176 -18.64 -13.05 14.70
C PHE B 176 -19.41 -13.38 13.44
N PHE B 177 -20.19 -14.47 13.49
CA PHE B 177 -21.01 -15.00 12.40
C PHE B 177 -22.52 -14.89 12.72
N GLN B 178 -23.33 -14.50 11.71
CA GLN B 178 -24.79 -14.43 11.82
C GLN B 178 -25.46 -15.42 10.82
N LYS B 179 -26.58 -16.06 11.21
CA LYS B 179 -27.24 -17.05 10.35
C LYS B 179 -28.05 -16.34 9.29
N ASP B 180 -27.70 -16.55 7.99
CA ASP B 180 -28.31 -15.85 6.85
C ASP B 180 -29.79 -16.20 6.57
N ASN B 181 -30.28 -17.32 7.11
CA ASN B 181 -31.67 -17.75 6.97
C ASN B 181 -32.38 -17.55 8.30
N VAL B 196 -23.44 -13.44 20.30
CA VAL B 196 -24.47 -14.32 19.73
C VAL B 196 -23.88 -15.54 19.01
N GLY B 197 -22.91 -15.29 18.11
CA GLY B 197 -22.20 -16.30 17.34
C GLY B 197 -20.71 -15.98 17.21
N LYS B 198 -20.05 -15.73 18.35
CA LYS B 198 -18.62 -15.42 18.45
C LYS B 198 -17.76 -16.69 18.46
N TYR B 199 -16.79 -16.77 17.53
CA TYR B 199 -15.89 -17.90 17.39
C TYR B 199 -14.47 -17.44 17.40
N ILE B 200 -13.58 -18.19 18.07
CA ILE B 200 -12.13 -17.95 18.03
C ILE B 200 -11.64 -18.68 16.78
N LEU B 201 -10.91 -17.99 15.88
CA LEU B 201 -10.44 -18.59 14.62
C LEU B 201 -9.70 -19.91 14.77
N ALA B 202 -8.92 -20.08 15.87
CA ALA B 202 -8.20 -21.31 16.15
C ALA B 202 -9.15 -22.54 16.30
N GLY B 203 -10.44 -22.32 16.54
CA GLY B 203 -11.41 -23.41 16.67
C GLY B 203 -12.26 -23.64 15.42
N VAL B 204 -12.16 -22.73 14.44
CA VAL B 204 -12.91 -22.79 13.18
C VAL B 204 -12.24 -23.83 12.28
N GLU B 205 -13.04 -24.64 11.56
CA GLU B 205 -12.56 -25.70 10.68
C GLU B 205 -11.77 -25.16 9.50
N ASN B 206 -10.72 -25.88 9.12
CA ASN B 206 -9.87 -25.58 7.97
C ASN B 206 -9.32 -26.90 7.40
N THR B 207 -10.20 -27.66 6.72
CA THR B 207 -9.94 -28.94 6.07
C THR B 207 -10.17 -28.77 4.55
N LYS B 208 -9.85 -29.79 3.73
CA LYS B 208 -10.08 -29.76 2.28
C LYS B 208 -11.58 -29.60 1.93
N THR B 209 -12.46 -30.25 2.73
CA THR B 209 -13.91 -30.19 2.51
C THR B 209 -14.49 -28.85 2.95
N HIS B 210 -14.04 -28.33 4.11
CA HIS B 210 -14.47 -27.04 4.65
C HIS B 210 -13.27 -26.15 4.99
N PRO B 211 -12.70 -25.43 4.00
CA PRO B 211 -11.54 -24.58 4.29
C PRO B 211 -11.98 -23.18 4.69
N ILE B 212 -12.87 -23.12 5.71
CA ILE B 212 -13.52 -21.91 6.22
C ILE B 212 -12.50 -20.82 6.59
N ARG B 213 -11.42 -21.14 7.33
CA ARG B 213 -10.39 -20.15 7.69
C ARG B 213 -9.69 -19.56 6.48
N ASN B 214 -9.35 -20.39 5.49
CA ASN B 214 -8.68 -20.00 4.24
C ASN B 214 -9.61 -19.12 3.39
N SER B 215 -10.90 -19.43 3.39
CA SER B 215 -11.92 -18.68 2.66
C SER B 215 -12.10 -17.32 3.31
N PHE B 216 -12.06 -17.27 4.66
CA PHE B 216 -12.15 -16.06 5.46
C PHE B 216 -10.96 -15.12 5.19
N LYS B 217 -9.73 -15.66 5.22
CA LYS B 217 -8.52 -14.89 4.99
C LYS B 217 -8.39 -14.43 3.54
N LYS B 218 -8.55 -15.34 2.55
CA LYS B 218 -8.36 -15.03 1.12
C LYS B 218 -9.50 -14.23 0.53
N GLU B 219 -10.73 -14.73 0.66
CA GLU B 219 -11.89 -14.09 0.05
C GLU B 219 -12.36 -12.83 0.76
N PHE B 220 -12.19 -12.73 2.10
CA PHE B 220 -12.65 -11.55 2.81
C PHE B 220 -11.55 -10.67 3.47
N TYR B 221 -10.80 -11.20 4.45
CA TYR B 221 -9.94 -10.44 5.34
C TYR B 221 -8.78 -9.69 4.71
N ILE B 222 -8.08 -10.28 3.75
CA ILE B 222 -6.94 -9.63 3.09
C ILE B 222 -7.38 -8.36 2.34
N LYS B 223 -8.45 -8.44 1.51
CA LYS B 223 -8.97 -7.31 0.73
C LYS B 223 -9.53 -6.22 1.65
N HIS B 224 -10.21 -6.63 2.71
CA HIS B 224 -10.79 -5.78 3.75
C HIS B 224 -9.71 -4.89 4.43
N LEU B 225 -8.61 -5.52 4.88
CA LEU B 225 -7.45 -4.87 5.48
C LEU B 225 -6.76 -3.96 4.48
N ASP B 226 -6.67 -4.39 3.22
CA ASP B 226 -6.05 -3.62 2.17
C ASP B 226 -6.84 -2.32 1.91
N GLN B 227 -8.20 -2.42 1.78
CA GLN B 227 -9.10 -1.29 1.52
C GLN B 227 -9.04 -0.25 2.61
N PHE B 228 -9.13 -0.67 3.88
CA PHE B 228 -9.11 0.24 5.02
C PHE B 228 -7.77 0.93 5.18
N ASP B 229 -6.67 0.19 4.87
CA ASP B 229 -5.33 0.74 4.90
C ASP B 229 -5.20 1.89 3.87
N ARG B 230 -5.59 1.64 2.61
CA ARG B 230 -5.60 2.64 1.52
C ARG B 230 -6.48 3.86 1.90
N LEU B 231 -7.56 3.61 2.64
CA LEU B 231 -8.44 4.68 3.10
C LEU B 231 -7.80 5.57 4.19
N PHE B 232 -7.17 4.95 5.19
CA PHE B 232 -6.50 5.74 6.24
C PHE B 232 -5.42 6.65 5.65
N THR B 233 -4.67 6.14 4.63
CA THR B 233 -3.59 6.86 3.91
C THR B 233 -4.17 8.03 3.10
N LYS B 234 -5.25 7.81 2.33
CA LYS B 234 -5.97 8.82 1.55
C LYS B 234 -6.40 10.01 2.44
N ILE B 235 -6.99 9.72 3.63
CA ILE B 235 -7.42 10.72 4.61
C ILE B 235 -6.21 11.58 5.05
N PHE B 236 -5.06 10.94 5.31
CA PHE B 236 -3.83 11.65 5.68
C PHE B 236 -3.40 12.58 4.54
N ASP B 237 -3.27 12.05 3.29
CA ASP B 237 -2.88 12.86 2.12
C ASP B 237 -3.82 14.04 1.88
N TYR B 238 -5.15 13.81 2.11
CA TYR B 238 -6.22 14.81 1.98
C TYR B 238 -6.02 15.99 2.92
N ASN B 239 -5.44 15.75 4.10
CA ASN B 239 -5.21 16.74 5.15
C ASN B 239 -3.76 17.22 5.26
N ASP B 240 -2.80 16.60 4.57
CA ASP B 240 -1.40 17.00 4.64
C ASP B 240 -0.97 17.73 3.36
N GLN B 241 -1.93 18.24 2.57
CA GLN B 241 -1.66 18.93 1.30
C GLN B 241 -0.94 20.27 1.51
N LEU B 242 -1.47 21.08 2.45
CA LEU B 242 -0.99 22.41 2.81
C LEU B 242 0.48 22.47 3.16
N GLY B 243 1.22 23.24 2.37
CA GLY B 243 2.66 23.46 2.47
C GLY B 243 3.49 22.36 1.84
N ASN B 244 2.80 21.31 1.30
CA ASN B 244 3.42 20.11 0.73
C ASN B 244 3.10 19.85 -0.76
N GLU B 245 2.36 20.78 -1.42
CA GLU B 245 2.01 20.57 -2.80
C GLU B 245 2.41 21.71 -3.77
N ASN B 246 3.00 21.29 -4.88
CA ASN B 246 3.47 22.09 -6.00
C ASN B 246 2.34 22.08 -6.99
N TYR B 247 1.96 23.25 -7.51
CA TYR B 247 0.89 23.31 -8.47
C TYR B 247 1.43 23.75 -9.83
N LYS B 248 1.33 22.85 -10.82
CA LYS B 248 1.76 23.11 -12.19
C LYS B 248 0.76 22.55 -13.19
N GLU B 249 0.06 23.48 -13.89
CA GLU B 249 -0.98 23.19 -14.89
C GLU B 249 -0.53 22.14 -15.94
N ASN B 250 0.59 22.42 -16.64
CA ASN B 250 1.16 21.53 -17.67
C ASN B 250 2.53 20.99 -17.26
N VAL B 251 2.96 19.90 -17.91
CA VAL B 251 4.26 19.28 -17.63
C VAL B 251 5.41 20.23 -17.97
N ASP B 252 5.27 21.07 -19.04
CA ASP B 252 6.25 22.10 -19.48
C ASP B 252 6.63 23.01 -18.31
N ALA B 253 5.63 23.62 -17.64
CA ALA B 253 5.80 24.51 -16.47
C ALA B 253 6.37 23.75 -15.25
N LEU B 254 6.03 22.45 -15.10
CA LEU B 254 6.54 21.59 -14.03
C LEU B 254 8.05 21.32 -14.26
N LYS B 255 8.40 20.94 -15.52
CA LYS B 255 9.76 20.66 -16.01
C LYS B 255 10.64 21.89 -15.87
N ASP B 256 10.07 23.09 -16.12
CA ASP B 256 10.80 24.36 -15.98
C ASP B 256 11.18 24.67 -14.53
N SER B 257 10.29 24.37 -13.58
CA SER B 257 10.53 24.66 -12.16
C SER B 257 11.65 23.80 -11.56
N LEU B 258 11.71 22.51 -11.97
CA LEU B 258 12.69 21.53 -11.50
C LEU B 258 13.88 21.33 -12.46
N ARG B 259 14.29 22.40 -13.14
CA ARG B 259 15.45 22.39 -14.02
C ARG B 259 16.55 23.23 -13.34
N TYR B 260 17.46 22.53 -12.62
CA TYR B 260 18.59 23.10 -11.88
C TYR B 260 19.62 22.03 -11.46
#